data_7YDQ
#
_entry.id   7YDQ
#
_cell.length_a   1.00
_cell.length_b   1.00
_cell.length_c   1.00
_cell.angle_alpha   90.00
_cell.angle_beta   90.00
_cell.angle_gamma   90.00
#
_symmetry.space_group_name_H-M   'P 1'
#
loop_
_entity.id
_entity.type
_entity.pdbx_description
1 polymer 'Nucleoside transporter 1,Green fluorescent protein'
2 non-polymer 5-methyl-N-[2-(2-oxidanylideneazepan-1-yl)ethyl]-2-phenyl-1,3-oxazole-4-carboxamide
#
_entity_poly.entity_id   1
_entity_poly.type   'polypeptide(L)'
_entity_poly.pdbx_seq_one_letter_code
;MHHHHHHHHHHSGDEVDAGSGHMSTGKESSKAYADIESRGDYKDDGKKGSTLSSKQHFMLSLTFILIGLSSLNVWNTALG
LNINFKYNTFQITGLVCSSIVALFVEIPKIMLPFLLGGLSILCAGFQISHSFFTDTQFDTYCLVAFIVIGVVAGLAQTIA
FNIGSTMEDNMGGYMSAGIGISGVFIFVINLLLDQFVSPEKHYGVNKAKLLALYIICELCLILAIVFCVCNLDLTNKNNK
KDEENKENNATLSYMELFKDSYKAILTMFLVNWLTLQLFPGVGHKKWQESHNISDYNVTIIVGMFQVFDFLSRYPPNLTH
IKIFKNFTFSLNKLLVANSLRLLFIPWFILNACVDHPFFKNIVQQCVCMAMLAFTNGWFNTVPFLVFVKELKMVSKGEEL
FTGVVPILVELDGDVNGHKFSVSGEGEGDATYGKLTLKFICTTGKLPVPWPTLVTTLTYGVQCFSRYPDHMKQHDFFKSA
MPEGYVQERTIFFKDDGNYKTRAEVKFEGDTLVNRIELKGIDFKEDGNILGHKLEYNYNSHNVYIMADKQKNGIKANFKI
RHNIEDGSVQLADHYQQNTPIGDGPVLLPDNHYLSTQSALSKDPNEKRDHMVLLEFVTAAGITLGMDELYKKAKKKKEIE
IISTFLVIAMFVGLFCGIWTTYIYNLFNIVLPKPDLPPIDVTQ
;
_entity_poly.pdbx_strand_id   A
#
# COMPACT_ATOMS: atom_id res chain seq x y z
N LEU A 52 -27.53 -4.48 0.23
CA LEU A 52 -26.49 -5.49 0.10
C LEU A 52 -26.05 -6.00 1.48
N SER A 53 -26.61 -7.13 1.90
CA SER A 53 -26.28 -7.69 3.20
C SER A 53 -24.86 -8.26 3.19
N SER A 54 -24.33 -8.47 4.39
CA SER A 54 -22.97 -8.97 4.55
C SER A 54 -22.88 -10.49 4.52
N LYS A 55 -24.01 -11.20 4.57
CA LYS A 55 -23.98 -12.65 4.51
C LYS A 55 -23.43 -13.14 3.17
N GLN A 56 -23.98 -12.61 2.08
CA GLN A 56 -23.46 -12.96 0.76
C GLN A 56 -22.04 -12.45 0.56
N HIS A 57 -21.71 -11.32 1.20
CA HIS A 57 -20.34 -10.82 1.16
C HIS A 57 -19.37 -11.85 1.73
N PHE A 58 -19.69 -12.35 2.94
CA PHE A 58 -18.84 -13.37 3.56
C PHE A 58 -18.82 -14.65 2.74
N MET A 59 -19.97 -15.04 2.18
CA MET A 59 -20.01 -16.27 1.40
C MET A 59 -19.12 -16.18 0.16
N LEU A 60 -19.20 -15.05 -0.55
CA LEU A 60 -18.35 -14.87 -1.73
C LEU A 60 -16.88 -14.79 -1.34
N SER A 61 -16.58 -14.13 -0.22
CA SER A 61 -15.19 -14.09 0.25
C SER A 61 -14.66 -15.49 0.52
N LEU A 62 -15.48 -16.31 1.18
CA LEU A 62 -15.06 -17.67 1.48
C LEU A 62 -14.88 -18.48 0.20
N THR A 63 -15.77 -18.31 -0.77
CA THR A 63 -15.62 -19.03 -2.04
C THR A 63 -14.32 -18.65 -2.72
N PHE A 64 -13.99 -17.36 -2.75
CA PHE A 64 -12.78 -16.92 -3.42
C PHE A 64 -11.53 -17.43 -2.70
N ILE A 65 -11.56 -17.42 -1.37
CA ILE A 65 -10.45 -17.98 -0.60
C ILE A 65 -10.27 -19.46 -0.89
N LEU A 66 -11.38 -20.20 -0.99
CA LEU A 66 -11.29 -21.63 -1.30
C LEU A 66 -10.73 -21.85 -2.70
N ILE A 67 -11.10 -20.98 -3.65
CA ILE A 67 -10.54 -21.09 -5.00
C ILE A 67 -9.02 -20.94 -4.95
N GLY A 68 -8.54 -19.92 -4.23
CA GLY A 68 -7.10 -19.76 -4.10
C GLY A 68 -6.44 -20.96 -3.41
N LEU A 69 -7.09 -21.47 -2.36
CA LEU A 69 -6.58 -22.62 -1.62
C LEU A 69 -6.35 -23.81 -2.54
N SER A 70 -7.39 -24.20 -3.28
CA SER A 70 -7.29 -25.37 -4.15
C SER A 70 -6.44 -25.09 -5.38
N SER A 71 -6.23 -23.82 -5.73
CA SER A 71 -5.34 -23.54 -6.84
C SER A 71 -3.88 -23.73 -6.47
N LEU A 72 -3.50 -23.32 -5.26
CA LEU A 72 -2.09 -23.43 -4.86
C LEU A 72 -1.76 -24.70 -4.08
N ASN A 73 -2.76 -25.51 -3.71
CA ASN A 73 -2.47 -26.73 -2.96
C ASN A 73 -1.58 -27.68 -3.76
N VAL A 74 -1.80 -27.77 -5.07
CA VAL A 74 -1.04 -28.72 -5.88
C VAL A 74 0.45 -28.39 -5.83
N TRP A 75 0.80 -27.13 -6.09
CA TRP A 75 2.20 -26.74 -6.05
C TRP A 75 2.78 -26.87 -4.64
N ASN A 76 2.01 -26.47 -3.63
CA ASN A 76 2.52 -26.54 -2.27
C ASN A 76 2.84 -27.97 -1.88
N THR A 77 1.98 -28.92 -2.24
CA THR A 77 2.24 -30.32 -1.90
C THR A 77 3.24 -30.97 -2.84
N ALA A 78 3.47 -30.41 -4.02
CA ALA A 78 4.49 -30.94 -4.93
C ALA A 78 5.88 -30.41 -4.63
N LEU A 79 6.00 -29.37 -3.81
CA LEU A 79 7.31 -28.85 -3.42
C LEU A 79 7.79 -29.41 -2.08
N GLY A 80 6.90 -29.94 -1.26
CA GLY A 80 7.24 -30.36 0.08
C GLY A 80 7.77 -31.76 0.25
N LEU A 81 7.97 -32.51 -0.84
CA LEU A 81 8.50 -33.86 -0.76
C LEU A 81 9.76 -34.03 -1.60
N ASN A 82 10.56 -32.96 -1.69
CA ASN A 82 11.82 -32.91 -2.43
C ASN A 82 11.78 -33.74 -3.72
N ILE A 83 10.72 -33.50 -4.51
CA ILE A 83 10.62 -34.15 -5.81
C ILE A 83 11.72 -33.61 -6.72
N ASN A 84 12.03 -34.38 -7.77
CA ASN A 84 13.14 -34.06 -8.65
C ASN A 84 12.89 -32.72 -9.35
N PHE A 85 13.95 -32.21 -10.00
CA PHE A 85 13.90 -30.87 -10.57
C PHE A 85 13.09 -30.82 -11.87
N LYS A 86 13.16 -31.90 -12.66
CA LYS A 86 12.54 -31.87 -13.99
C LYS A 86 11.04 -31.69 -13.91
N TYR A 87 10.39 -32.33 -12.94
CA TYR A 87 8.95 -32.17 -12.80
C TYR A 87 8.60 -30.72 -12.46
N ASN A 88 9.40 -30.09 -11.60
CA ASN A 88 9.17 -28.68 -11.28
C ASN A 88 9.32 -27.80 -12.50
N THR A 89 10.36 -28.05 -13.31
CA THR A 89 10.55 -27.18 -14.47
C THR A 89 9.45 -27.37 -15.51
N PHE A 90 8.97 -28.60 -15.67
CA PHE A 90 7.85 -28.83 -16.59
C PHE A 90 6.59 -28.12 -16.11
N GLN A 91 6.30 -28.21 -14.80
CA GLN A 91 5.13 -27.54 -14.27
C GLN A 91 5.21 -26.03 -14.46
N ILE A 92 6.39 -25.46 -14.19
CA ILE A 92 6.56 -24.02 -14.37
C ILE A 92 6.37 -23.64 -15.83
N THR A 93 6.92 -24.43 -16.75
CA THR A 93 6.77 -24.13 -18.18
C THR A 93 5.30 -24.13 -18.58
N GLY A 94 4.55 -25.14 -18.14
CA GLY A 94 3.13 -25.17 -18.48
C GLY A 94 2.37 -23.98 -17.91
N LEU A 95 2.61 -23.67 -16.63
CA LEU A 95 1.90 -22.56 -15.99
C LEU A 95 2.21 -21.24 -16.67
N VAL A 96 3.46 -21.03 -17.09
CA VAL A 96 3.82 -19.77 -17.71
C VAL A 96 3.52 -19.71 -19.20
N CYS A 97 3.30 -20.85 -19.85
CA CYS A 97 2.95 -20.84 -21.26
C CYS A 97 1.46 -20.71 -21.51
N SER A 98 0.63 -21.21 -20.59
CA SER A 98 -0.81 -21.05 -20.80
C SER A 98 -1.29 -19.63 -20.50
N SER A 99 -0.64 -18.94 -19.55
CA SER A 99 -1.23 -17.74 -18.97
C SER A 99 -1.24 -16.57 -19.95
N ILE A 100 -0.18 -16.38 -20.72
CA ILE A 100 -0.12 -15.25 -21.65
C ILE A 100 -1.22 -15.38 -22.71
N VAL A 101 -1.36 -16.58 -23.27
CA VAL A 101 -2.40 -16.82 -24.28
C VAL A 101 -3.78 -16.64 -23.67
N ALA A 102 -3.98 -17.11 -22.43
CA ALA A 102 -5.27 -16.92 -21.78
C ALA A 102 -5.55 -15.44 -21.53
N LEU A 103 -4.50 -14.65 -21.27
CA LEU A 103 -4.68 -13.23 -20.97
C LEU A 103 -5.00 -12.41 -22.20
N PHE A 104 -4.34 -12.69 -23.32
CA PHE A 104 -4.51 -11.84 -24.50
C PHE A 104 -5.85 -12.04 -25.20
N VAL A 105 -6.52 -13.18 -24.98
CA VAL A 105 -7.74 -13.51 -25.69
C VAL A 105 -8.84 -13.81 -24.67
N GLU A 106 -10.01 -13.23 -24.87
CA GLU A 106 -11.14 -13.42 -23.96
C GLU A 106 -11.67 -14.84 -24.10
N ILE A 107 -11.43 -15.67 -23.10
CA ILE A 107 -11.90 -17.05 -23.11
C ILE A 107 -13.30 -17.09 -22.49
N PRO A 108 -14.09 -18.11 -22.78
CA PRO A 108 -15.41 -18.22 -22.12
C PRO A 108 -15.26 -18.41 -20.62
N LYS A 109 -16.27 -17.94 -19.89
CA LYS A 109 -16.25 -17.90 -18.42
C LYS A 109 -17.11 -19.00 -17.81
N ILE A 110 -17.14 -20.18 -18.41
CA ILE A 110 -17.99 -21.27 -17.96
C ILE A 110 -17.22 -22.53 -17.57
N MET A 111 -15.88 -22.51 -17.68
CA MET A 111 -15.09 -23.72 -17.57
C MET A 111 -14.50 -23.93 -16.17
N LEU A 112 -14.95 -23.20 -15.16
CA LEU A 112 -14.43 -23.39 -13.81
C LEU A 112 -14.70 -24.79 -13.27
N PRO A 113 -15.95 -25.27 -13.21
CA PRO A 113 -16.18 -26.61 -12.62
C PRO A 113 -15.51 -27.72 -13.40
N PHE A 114 -15.48 -27.62 -14.73
CA PHE A 114 -14.84 -28.65 -15.53
C PHE A 114 -13.33 -28.68 -15.30
N LEU A 115 -12.71 -27.50 -15.19
CA LEU A 115 -11.28 -27.45 -14.90
C LEU A 115 -10.98 -28.04 -13.53
N LEU A 116 -11.81 -27.70 -12.53
CA LEU A 116 -11.58 -28.25 -11.19
C LEU A 116 -11.76 -29.76 -11.18
N GLY A 117 -12.76 -30.27 -11.90
CA GLY A 117 -12.94 -31.71 -11.97
C GLY A 117 -11.80 -32.41 -12.68
N GLY A 118 -11.29 -31.81 -13.75
CA GLY A 118 -10.13 -32.38 -14.41
C GLY A 118 -8.91 -32.41 -13.52
N LEU A 119 -8.70 -31.34 -12.75
CA LEU A 119 -7.60 -31.34 -11.78
C LEU A 119 -7.81 -32.44 -10.74
N SER A 120 -9.05 -32.61 -10.27
CA SER A 120 -9.34 -33.64 -9.28
C SER A 120 -9.00 -35.02 -9.83
N ILE A 121 -9.44 -35.32 -11.05
CA ILE A 121 -9.17 -36.65 -11.59
C ILE A 121 -7.68 -36.83 -11.87
N LEU A 122 -6.98 -35.77 -12.28
CA LEU A 122 -5.54 -35.88 -12.52
C LEU A 122 -4.79 -36.18 -11.24
N CYS A 123 -5.14 -35.49 -10.15
CA CYS A 123 -4.49 -35.77 -8.87
C CYS A 123 -4.86 -37.15 -8.34
N ALA A 124 -6.11 -37.57 -8.55
CA ALA A 124 -6.51 -38.91 -8.09
C ALA A 124 -5.77 -39.99 -8.87
N GLY A 125 -5.39 -39.71 -10.12
CA GLY A 125 -4.66 -40.68 -10.90
C GLY A 125 -3.29 -41.01 -10.32
N PHE A 126 -2.66 -40.02 -9.68
CA PHE A 126 -1.28 -40.18 -9.22
C PHE A 126 -1.15 -41.31 -8.20
N GLN A 127 -2.05 -41.35 -7.22
CA GLN A 127 -1.91 -42.34 -6.16
C GLN A 127 -2.01 -43.76 -6.69
N ILE A 128 -2.95 -43.99 -7.61
CA ILE A 128 -3.09 -45.32 -8.19
C ILE A 128 -1.91 -45.64 -9.11
N SER A 129 -1.47 -44.66 -9.91
CA SER A 129 -0.42 -44.92 -10.88
C SER A 129 0.92 -45.21 -10.20
N HIS A 130 1.20 -44.53 -9.10
CA HIS A 130 2.51 -44.68 -8.45
C HIS A 130 2.73 -46.12 -7.99
N SER A 131 1.69 -46.78 -7.49
CA SER A 131 1.83 -48.16 -7.05
C SER A 131 1.62 -49.13 -8.20
N PHE A 132 0.61 -48.88 -9.05
CA PHE A 132 0.29 -49.82 -10.11
C PHE A 132 1.37 -49.84 -11.18
N PHE A 133 1.82 -48.67 -11.62
CA PHE A 133 2.82 -48.61 -12.70
C PHE A 133 4.20 -48.95 -12.18
N THR A 134 5.02 -49.54 -13.06
CA THR A 134 6.44 -49.65 -12.80
C THR A 134 7.09 -48.29 -13.04
N ASP A 135 8.08 -47.95 -12.22
CA ASP A 135 8.72 -46.63 -12.22
C ASP A 135 9.08 -46.14 -13.63
N THR A 136 9.49 -47.06 -14.52
CA THR A 136 9.93 -46.66 -15.85
C THR A 136 8.83 -45.94 -16.61
N GLN A 137 7.64 -46.55 -16.71
CA GLN A 137 6.53 -45.86 -17.36
C GLN A 137 5.88 -44.86 -16.41
N PHE A 138 6.14 -45.00 -15.12
CA PHE A 138 5.61 -44.05 -14.14
C PHE A 138 6.19 -42.67 -14.34
N ASP A 139 7.45 -42.60 -14.81
CA ASP A 139 8.08 -41.31 -15.12
C ASP A 139 7.32 -40.57 -16.23
N THR A 140 6.93 -41.30 -17.28
CA THR A 140 6.18 -40.69 -18.37
C THR A 140 4.84 -40.15 -17.89
N TYR A 141 4.13 -40.92 -17.07
CA TYR A 141 2.89 -40.44 -16.50
C TYR A 141 3.12 -39.19 -15.66
N CYS A 142 4.20 -39.18 -14.88
CA CYS A 142 4.51 -38.01 -14.06
C CYS A 142 4.71 -36.78 -14.92
N LEU A 143 5.52 -36.88 -15.97
CA LEU A 143 5.79 -35.70 -16.79
C LEU A 143 4.54 -35.22 -17.52
N VAL A 144 3.75 -36.16 -18.07
CA VAL A 144 2.53 -35.77 -18.78
C VAL A 144 1.55 -35.10 -17.83
N ALA A 145 1.36 -35.69 -16.64
CA ALA A 145 0.45 -35.13 -15.66
C ALA A 145 0.92 -33.76 -15.21
N PHE A 146 2.23 -33.58 -15.03
CA PHE A 146 2.72 -32.27 -14.61
C PHE A 146 2.49 -31.22 -15.67
N ILE A 147 2.72 -31.55 -16.94
CA ILE A 147 2.48 -30.58 -18.01
C ILE A 147 1.00 -30.18 -18.04
N VAL A 148 0.11 -31.18 -18.03
CA VAL A 148 -1.31 -30.84 -18.11
C VAL A 148 -1.76 -30.10 -16.86
N ILE A 149 -1.21 -30.43 -15.70
CA ILE A 149 -1.58 -29.74 -14.47
C ILE A 149 -1.13 -28.28 -14.52
N GLY A 150 0.07 -28.02 -15.05
CA GLY A 150 0.51 -26.65 -15.20
C GLY A 150 -0.41 -25.85 -16.10
N VAL A 151 -0.77 -26.43 -17.26
CA VAL A 151 -1.64 -25.72 -18.19
C VAL A 151 -3.00 -25.45 -17.54
N VAL A 152 -3.59 -26.47 -16.89
CA VAL A 152 -4.92 -26.31 -16.31
C VAL A 152 -4.90 -25.29 -15.18
N ALA A 153 -3.88 -25.33 -14.32
CA ALA A 153 -3.80 -24.38 -13.22
C ALA A 153 -3.65 -22.95 -13.73
N GLY A 154 -2.80 -22.75 -14.74
CA GLY A 154 -2.67 -21.41 -15.30
C GLY A 154 -3.98 -20.90 -15.86
N LEU A 155 -4.68 -21.74 -16.64
CA LEU A 155 -5.96 -21.34 -17.20
C LEU A 155 -6.97 -20.99 -16.11
N ALA A 156 -7.04 -21.84 -15.07
CA ALA A 156 -8.02 -21.61 -14.01
C ALA A 156 -7.73 -20.32 -13.25
N GLN A 157 -6.47 -20.09 -12.90
CA GLN A 157 -6.14 -18.86 -12.18
C GLN A 157 -6.43 -17.63 -13.01
N THR A 158 -6.08 -17.66 -14.30
CA THR A 158 -6.33 -16.50 -15.15
C THR A 158 -7.81 -16.23 -15.29
N ILE A 159 -8.62 -17.26 -15.50
CA ILE A 159 -10.05 -17.03 -15.66
C ILE A 159 -10.67 -16.60 -14.34
N ALA A 160 -10.10 -17.02 -13.20
CA ALA A 160 -10.66 -16.62 -11.91
C ALA A 160 -10.34 -15.17 -11.58
N PHE A 161 -9.15 -14.69 -11.95
CA PHE A 161 -8.81 -13.30 -11.64
C PHE A 161 -9.69 -12.30 -12.37
N ASN A 162 -10.03 -12.59 -13.64
CA ASN A 162 -10.76 -11.61 -14.45
C ASN A 162 -12.14 -11.33 -13.87
N ILE A 163 -12.82 -12.37 -13.38
CA ILE A 163 -14.19 -12.21 -12.90
C ILE A 163 -14.30 -11.32 -11.68
N GLY A 164 -13.17 -10.93 -11.08
CA GLY A 164 -13.25 -10.15 -9.85
C GLY A 164 -13.49 -8.68 -10.09
N SER A 165 -12.81 -8.09 -11.07
CA SER A 165 -12.89 -6.66 -11.28
C SER A 165 -14.28 -6.22 -11.71
N THR A 166 -15.06 -7.12 -12.31
CA THR A 166 -16.41 -6.76 -12.74
C THR A 166 -17.29 -6.40 -11.54
N MET A 167 -17.20 -7.17 -10.46
CA MET A 167 -17.99 -6.88 -9.27
C MET A 167 -17.46 -5.63 -8.57
N GLU A 168 -18.31 -5.06 -7.72
CA GLU A 168 -18.00 -3.77 -7.11
C GLU A 168 -16.80 -3.86 -6.19
N ASP A 169 -16.70 -4.90 -5.38
CA ASP A 169 -15.63 -5.02 -4.41
C ASP A 169 -14.38 -5.62 -5.05
N ASN A 170 -13.21 -5.21 -4.53
CA ASN A 170 -11.95 -5.71 -5.05
C ASN A 170 -11.69 -7.12 -4.56
N MET A 171 -11.37 -8.02 -5.50
CA MET A 171 -11.14 -9.42 -5.20
C MET A 171 -9.67 -9.80 -5.13
N GLY A 172 -8.76 -9.01 -5.70
CA GLY A 172 -7.37 -9.42 -5.80
C GLY A 172 -6.74 -9.71 -4.44
N GLY A 173 -7.10 -8.92 -3.44
CA GLY A 173 -6.61 -9.19 -2.10
C GLY A 173 -7.00 -10.57 -1.62
N TYR A 174 -8.11 -11.10 -2.11
CA TYR A 174 -8.54 -12.42 -1.66
C TYR A 174 -7.66 -13.53 -2.22
N MET A 175 -7.27 -13.46 -3.50
CA MET A 175 -6.27 -14.39 -4.01
C MET A 175 -4.93 -14.22 -3.28
N SER A 176 -4.54 -12.96 -3.03
CA SER A 176 -3.29 -12.73 -2.31
C SER A 176 -3.32 -13.39 -0.94
N ALA A 177 -4.46 -13.34 -0.25
CA ALA A 177 -4.58 -14.02 1.03
C ALA A 177 -4.62 -15.53 0.85
N GLY A 178 -5.34 -16.01 -0.17
CA GLY A 178 -5.53 -17.44 -0.32
C GLY A 178 -4.25 -18.20 -0.63
N ILE A 179 -3.38 -17.59 -1.43
CA ILE A 179 -2.12 -18.26 -1.76
C ILE A 179 -1.29 -18.50 -0.49
N GLY A 180 -1.15 -17.46 0.33
CA GLY A 180 -0.41 -17.61 1.57
C GLY A 180 -1.08 -18.57 2.54
N ILE A 181 -2.41 -18.54 2.60
CA ILE A 181 -3.11 -19.49 3.46
C ILE A 181 -2.84 -20.92 3.01
N SER A 182 -2.83 -21.16 1.69
CA SER A 182 -2.50 -22.49 1.18
C SER A 182 -1.10 -22.91 1.61
N GLY A 183 -0.14 -22.00 1.47
CA GLY A 183 1.23 -22.35 1.85
C GLY A 183 1.34 -22.72 3.31
N VAL A 184 0.78 -21.88 4.19
CA VAL A 184 0.92 -22.14 5.63
C VAL A 184 0.14 -23.40 6.02
N PHE A 185 -1.00 -23.63 5.39
CA PHE A 185 -1.81 -24.80 5.74
C PHE A 185 -1.11 -26.09 5.34
N ILE A 186 -0.53 -26.11 4.13
CA ILE A 186 0.22 -27.30 3.71
C ILE A 186 1.42 -27.53 4.61
N PHE A 187 2.13 -26.47 4.98
CA PHE A 187 3.29 -26.64 5.86
C PHE A 187 2.87 -27.22 7.20
N VAL A 188 1.80 -26.70 7.81
CA VAL A 188 1.37 -27.19 9.10
C VAL A 188 0.94 -28.65 9.01
N ILE A 189 0.19 -28.99 7.96
CA ILE A 189 -0.26 -30.37 7.80
C ILE A 189 0.94 -31.31 7.64
N ASN A 190 1.92 -30.91 6.83
CA ASN A 190 3.10 -31.74 6.63
C ASN A 190 3.88 -31.93 7.94
N LEU A 191 4.05 -30.85 8.70
CA LEU A 191 4.77 -30.96 9.96
C LEU A 191 4.05 -31.88 10.94
N LEU A 192 2.72 -31.78 11.01
CA LEU A 192 1.95 -32.65 11.89
C LEU A 192 2.06 -34.10 11.45
N LEU A 193 2.00 -34.34 10.13
CA LEU A 193 2.04 -35.70 9.62
C LEU A 193 3.42 -36.32 9.73
N ASP A 194 4.47 -35.51 9.80
CA ASP A 194 5.83 -36.03 9.81
C ASP A 194 6.06 -36.98 10.99
N GLN A 195 5.38 -36.75 12.11
CA GLN A 195 5.65 -37.49 13.34
C GLN A 195 4.88 -38.79 13.44
N PHE A 196 4.15 -39.20 12.40
CA PHE A 196 3.36 -40.42 12.47
C PHE A 196 3.41 -41.22 11.17
N VAL A 197 4.52 -41.15 10.45
CA VAL A 197 4.66 -41.84 9.17
C VAL A 197 5.96 -42.64 9.17
N SER A 198 5.86 -43.92 8.82
CA SER A 198 7.06 -44.76 8.70
C SER A 198 7.75 -44.49 7.37
N PRO A 199 9.04 -44.16 7.38
CA PRO A 199 9.77 -43.87 6.13
C PRO A 199 10.22 -45.13 5.38
N GLU A 200 9.29 -45.69 4.60
CA GLU A 200 9.59 -46.92 3.86
C GLU A 200 10.44 -46.66 2.62
N LYS A 201 10.27 -45.50 1.97
CA LYS A 201 11.10 -45.09 0.84
C LYS A 201 11.04 -46.10 -0.31
N HIS A 202 9.84 -46.19 -0.91
CA HIS A 202 9.63 -47.13 -2.00
C HIS A 202 10.43 -46.75 -3.24
N TYR A 203 10.15 -45.58 -3.81
CA TYR A 203 10.81 -45.10 -5.02
C TYR A 203 11.48 -43.75 -4.78
N GLY A 204 12.05 -43.57 -3.60
CA GLY A 204 12.62 -42.30 -3.23
C GLY A 204 11.63 -41.28 -2.72
N VAL A 205 10.35 -41.65 -2.60
CA VAL A 205 9.32 -40.77 -2.07
C VAL A 205 8.54 -41.53 -1.01
N ASN A 206 7.95 -40.79 -0.08
CA ASN A 206 7.23 -41.40 1.02
C ASN A 206 5.93 -42.03 0.53
N LYS A 207 5.44 -43.00 1.30
CA LYS A 207 4.21 -43.72 0.95
C LYS A 207 2.98 -43.09 1.58
N ALA A 208 2.96 -43.01 2.91
CA ALA A 208 1.80 -42.46 3.60
C ALA A 208 1.64 -40.97 3.30
N LYS A 209 2.75 -40.25 3.16
CA LYS A 209 2.69 -38.82 2.92
C LYS A 209 1.94 -38.51 1.63
N LEU A 210 2.26 -39.24 0.56
CA LEU A 210 1.62 -38.98 -0.74
C LEU A 210 0.12 -39.18 -0.65
N LEU A 211 -0.31 -40.32 -0.12
CA LEU A 211 -1.74 -40.61 -0.04
C LEU A 211 -2.46 -39.59 0.82
N ALA A 212 -1.91 -39.28 1.99
CA ALA A 212 -2.57 -38.35 2.90
C ALA A 212 -2.69 -36.96 2.28
N LEU A 213 -1.59 -36.45 1.72
CA LEU A 213 -1.61 -35.12 1.14
C LEU A 213 -2.57 -35.05 -0.04
N TYR A 214 -2.58 -36.07 -0.88
CA TYR A 214 -3.44 -36.01 -2.06
C TYR A 214 -4.91 -36.17 -1.71
N ILE A 215 -5.26 -37.00 -0.73
CA ILE A 215 -6.66 -37.07 -0.35
C ILE A 215 -7.08 -35.76 0.33
N ILE A 216 -6.19 -35.12 1.08
CA ILE A 216 -6.50 -33.81 1.65
C ILE A 216 -6.78 -32.81 0.54
N CYS A 217 -5.92 -32.79 -0.49
CA CYS A 217 -6.12 -31.88 -1.60
C CYS A 217 -7.43 -32.16 -2.34
N GLU A 218 -7.76 -33.44 -2.53
CA GLU A 218 -9.01 -33.79 -3.20
C GLU A 218 -10.21 -33.32 -2.41
N LEU A 219 -10.20 -33.53 -1.08
CA LEU A 219 -11.31 -33.07 -0.26
C LEU A 219 -11.45 -31.56 -0.31
N CYS A 220 -10.33 -30.84 -0.24
CA CYS A 220 -10.38 -29.39 -0.29
C CYS A 220 -10.94 -28.91 -1.63
N LEU A 221 -10.49 -29.52 -2.73
CA LEU A 221 -10.96 -29.09 -4.05
C LEU A 221 -12.44 -29.39 -4.24
N ILE A 222 -12.91 -30.56 -3.77
CA ILE A 222 -14.31 -30.89 -3.94
C ILE A 222 -15.18 -29.97 -3.09
N LEU A 223 -14.71 -29.62 -1.88
CA LEU A 223 -15.44 -28.65 -1.08
C LEU A 223 -15.51 -27.30 -1.77
N ALA A 224 -14.39 -26.86 -2.34
CA ALA A 224 -14.36 -25.57 -3.03
C ALA A 224 -15.30 -25.54 -4.22
N ILE A 225 -15.31 -26.62 -5.02
CA ILE A 225 -16.16 -26.63 -6.21
C ILE A 225 -17.64 -26.73 -5.83
N VAL A 226 -17.96 -27.48 -4.78
CA VAL A 226 -19.36 -27.58 -4.38
C VAL A 226 -19.81 -26.31 -3.68
N PHE A 227 -18.87 -25.50 -3.20
CA PHE A 227 -19.20 -24.26 -2.52
C PHE A 227 -19.22 -23.06 -3.45
N CYS A 228 -18.50 -23.10 -4.57
CA CYS A 228 -18.44 -21.99 -5.50
C CYS A 228 -19.34 -22.16 -6.71
N VAL A 229 -20.24 -23.14 -6.71
CA VAL A 229 -21.18 -23.32 -7.82
C VAL A 229 -22.48 -22.60 -7.51
N CYS A 230 -22.93 -22.64 -6.25
CA CYS A 230 -24.15 -21.95 -5.85
C CYS A 230 -23.85 -20.50 -5.51
N ASN A 231 -23.12 -19.82 -6.38
CA ASN A 231 -22.71 -18.43 -6.24
C ASN A 231 -21.92 -18.08 -7.49
N LEU A 232 -21.71 -16.78 -7.70
CA LEU A 232 -20.91 -16.27 -8.80
C LEU A 232 -21.47 -16.76 -10.14
N ASP A 233 -22.67 -16.29 -10.45
CA ASP A 233 -23.38 -16.73 -11.64
C ASP A 233 -22.58 -16.39 -12.90
N LEU A 234 -22.66 -17.28 -13.88
CA LEU A 234 -21.86 -17.19 -15.10
C LEU A 234 -22.70 -17.08 -16.36
N THR A 235 -23.95 -16.62 -16.24
CA THR A 235 -24.83 -16.55 -17.40
C THR A 235 -24.33 -15.51 -18.40
N ASN A 236 -24.30 -14.24 -17.98
CA ASN A 236 -23.86 -13.15 -18.86
C ASN A 236 -23.40 -11.95 -18.04
N ALA A 250 -12.45 7.14 -28.53
CA ALA A 250 -11.10 7.59 -28.84
C ALA A 250 -10.08 6.54 -28.44
N THR A 251 -9.03 6.39 -29.26
CA THR A 251 -7.99 5.42 -29.03
C THR A 251 -6.62 6.10 -29.07
N LEU A 252 -5.69 5.56 -28.29
CA LEU A 252 -4.33 6.07 -28.21
C LEU A 252 -3.34 4.93 -28.45
N SER A 253 -2.14 5.29 -28.91
CA SER A 253 -1.13 4.31 -29.20
C SER A 253 -0.57 3.71 -27.91
N TYR A 254 0.14 2.60 -28.05
CA TYR A 254 0.62 1.83 -26.91
C TYR A 254 2.09 2.06 -26.58
N MET A 255 2.92 2.41 -27.58
CA MET A 255 4.35 2.51 -27.36
C MET A 255 4.69 3.62 -26.37
N GLU A 256 3.98 4.75 -26.46
CA GLU A 256 4.27 5.85 -25.53
C GLU A 256 3.95 5.45 -24.09
N LEU A 257 2.96 4.60 -23.88
CA LEU A 257 2.71 4.07 -22.54
C LEU A 257 3.88 3.22 -22.05
N PHE A 258 4.43 2.40 -22.94
CA PHE A 258 5.56 1.56 -22.56
C PHE A 258 6.78 2.39 -22.21
N LYS A 259 7.09 3.40 -23.02
CA LYS A 259 8.29 4.20 -22.76
C LYS A 259 8.06 5.28 -21.71
N ASP A 260 6.82 5.55 -21.32
CA ASP A 260 6.57 6.59 -20.32
C ASP A 260 6.98 6.12 -18.94
N SER A 261 6.62 4.90 -18.56
CA SER A 261 6.91 4.37 -17.22
C SER A 261 7.42 2.95 -17.38
N TYR A 262 8.75 2.81 -17.53
CA TYR A 262 9.39 1.50 -17.58
C TYR A 262 10.15 1.20 -16.30
N LYS A 263 10.01 2.03 -15.27
CA LYS A 263 10.78 1.85 -14.04
C LYS A 263 10.21 0.75 -13.16
N ALA A 264 9.00 0.26 -13.47
CA ALA A 264 8.41 -0.81 -12.67
C ALA A 264 8.62 -2.19 -13.28
N ILE A 265 8.60 -2.27 -14.61
CA ILE A 265 8.74 -3.56 -15.29
C ILE A 265 10.09 -4.18 -14.96
N LEU A 266 11.15 -3.38 -14.99
CA LEU A 266 12.49 -3.91 -14.75
C LEU A 266 12.61 -4.49 -13.35
N THR A 267 12.09 -3.79 -12.34
CA THR A 267 12.16 -4.31 -10.98
C THR A 267 11.30 -5.56 -10.82
N MET A 268 10.08 -5.54 -11.36
CA MET A 268 9.21 -6.70 -11.24
C MET A 268 9.73 -7.91 -12.00
N PHE A 269 10.61 -7.72 -12.97
CA PHE A 269 11.26 -8.83 -13.65
C PHE A 269 12.49 -9.32 -12.90
N LEU A 270 13.34 -8.40 -12.45
CA LEU A 270 14.59 -8.78 -11.82
C LEU A 270 14.41 -9.31 -10.41
N VAL A 271 13.30 -8.99 -9.73
CA VAL A 271 13.07 -9.55 -8.40
C VAL A 271 12.53 -10.97 -8.44
N ASN A 272 12.04 -11.43 -9.59
CA ASN A 272 11.63 -12.82 -9.75
C ASN A 272 12.55 -13.61 -10.68
N TRP A 273 13.54 -12.97 -11.28
CA TRP A 273 14.58 -13.71 -11.99
C TRP A 273 15.56 -14.41 -11.07
N LEU A 274 15.50 -14.15 -9.77
CA LEU A 274 16.46 -14.69 -8.81
C LEU A 274 15.84 -15.67 -7.83
N THR A 275 14.70 -15.31 -7.22
CA THR A 275 14.11 -16.17 -6.21
C THR A 275 13.76 -17.53 -6.76
N LEU A 276 13.17 -17.59 -7.95
CA LEU A 276 12.88 -18.87 -8.58
C LEU A 276 14.12 -19.49 -9.21
N GLN A 277 15.21 -18.73 -9.35
CA GLN A 277 16.47 -19.34 -9.77
C GLN A 277 17.11 -20.14 -8.64
N LEU A 278 17.00 -19.66 -7.41
CA LEU A 278 17.74 -20.27 -6.30
C LEU A 278 16.94 -21.35 -5.56
N PHE A 279 15.77 -21.01 -5.04
CA PHE A 279 15.14 -21.90 -4.06
C PHE A 279 14.76 -23.27 -4.60
N PRO A 280 14.16 -23.42 -5.79
CA PRO A 280 13.94 -24.76 -6.33
C PRO A 280 15.15 -25.69 -6.30
N GLY A 281 16.24 -25.27 -6.93
CA GLY A 281 17.35 -26.18 -7.19
C GLY A 281 18.51 -26.11 -6.23
N VAL A 282 19.06 -24.91 -6.04
CA VAL A 282 20.24 -24.75 -5.17
C VAL A 282 19.84 -24.54 -3.72
N GLY A 283 18.56 -24.29 -3.44
CA GLY A 283 18.09 -24.06 -2.09
C GLY A 283 18.44 -25.16 -1.11
N HIS A 284 17.95 -26.38 -1.35
CA HIS A 284 18.30 -27.49 -0.47
C HIS A 284 18.67 -28.78 -1.19
N LYS A 285 18.50 -28.88 -2.51
CA LYS A 285 18.89 -30.10 -3.21
C LYS A 285 20.40 -30.31 -3.14
N LYS A 286 21.17 -29.27 -3.46
CA LYS A 286 22.63 -29.38 -3.39
C LYS A 286 23.09 -29.61 -1.96
N TRP A 287 22.47 -28.93 -0.99
CA TRP A 287 22.86 -29.11 0.40
C TRP A 287 22.62 -30.53 0.86
N GLN A 288 21.47 -31.10 0.50
CA GLN A 288 21.19 -32.49 0.85
C GLN A 288 22.15 -33.44 0.15
N GLU A 289 22.46 -33.18 -1.12
CA GLU A 289 23.37 -34.05 -1.85
C GLU A 289 24.79 -33.97 -1.31
N SER A 290 25.13 -32.85 -0.66
CA SER A 290 26.49 -32.69 -0.14
C SER A 290 26.62 -33.22 1.28
N HIS A 291 25.84 -32.66 2.21
CA HIS A 291 26.00 -32.99 3.62
C HIS A 291 25.15 -34.17 4.07
N ASN A 292 24.30 -34.70 3.19
CA ASN A 292 23.42 -35.83 3.52
C ASN A 292 22.55 -35.51 4.74
N ILE A 293 21.75 -34.45 4.60
CA ILE A 293 20.87 -34.04 5.68
C ILE A 293 19.81 -35.11 5.93
N SER A 294 19.40 -35.25 7.18
CA SER A 294 18.35 -36.20 7.52
C SER A 294 17.02 -35.78 6.89
N ASP A 295 16.19 -36.77 6.57
CA ASP A 295 14.90 -36.49 5.95
C ASP A 295 13.99 -35.70 6.88
N TYR A 296 14.19 -35.84 8.19
CA TYR A 296 13.35 -35.13 9.15
C TYR A 296 13.57 -33.63 9.15
N ASN A 297 14.61 -33.14 8.49
CA ASN A 297 14.91 -31.72 8.47
C ASN A 297 14.51 -31.03 7.17
N VAL A 298 14.39 -31.76 6.07
CA VAL A 298 14.06 -31.13 4.79
C VAL A 298 12.64 -30.57 4.80
N THR A 299 11.77 -31.07 5.67
CA THR A 299 10.40 -30.59 5.76
C THR A 299 10.31 -29.28 6.53
N ILE A 300 11.41 -28.82 7.13
CA ILE A 300 11.40 -27.60 7.92
C ILE A 300 11.94 -26.40 7.13
N ILE A 301 12.92 -26.61 6.24
CA ILE A 301 13.45 -25.51 5.45
C ILE A 301 12.37 -24.95 4.53
N VAL A 302 11.63 -25.83 3.86
CA VAL A 302 10.59 -25.39 2.95
C VAL A 302 9.48 -24.66 3.71
N GLY A 303 9.17 -25.14 4.93
CA GLY A 303 8.18 -24.46 5.73
C GLY A 303 8.63 -23.08 6.19
N MET A 304 9.89 -22.97 6.60
CA MET A 304 10.43 -21.67 6.97
C MET A 304 10.46 -20.72 5.79
N PHE A 305 10.54 -21.24 4.57
CA PHE A 305 10.39 -20.37 3.40
C PHE A 305 8.93 -19.97 3.19
N GLN A 306 8.01 -20.94 3.27
CA GLN A 306 6.61 -20.68 2.93
C GLN A 306 5.97 -19.71 3.92
N VAL A 307 6.20 -19.92 5.21
CA VAL A 307 5.56 -19.10 6.22
C VAL A 307 5.95 -17.63 6.06
N PHE A 308 7.25 -17.38 5.87
CA PHE A 308 7.68 -16.00 5.72
C PHE A 308 7.27 -15.41 4.38
N ASP A 309 7.24 -16.22 3.31
CA ASP A 309 6.72 -15.71 2.06
C ASP A 309 5.28 -15.27 2.20
N PHE A 310 4.50 -15.95 3.02
CA PHE A 310 3.13 -15.50 3.28
C PHE A 310 3.12 -14.25 4.17
N LEU A 311 3.92 -14.24 5.23
CA LEU A 311 3.81 -13.20 6.25
C LEU A 311 4.44 -11.88 5.84
N SER A 312 5.33 -11.85 4.85
CA SER A 312 5.99 -10.62 4.45
C SER A 312 5.29 -9.93 3.29
N ARG A 313 3.96 -10.08 3.20
CA ARG A 313 3.18 -9.44 2.17
C ARG A 313 2.20 -8.40 2.69
N TYR A 314 1.83 -8.47 3.97
CA TYR A 314 0.88 -7.54 4.58
C TYR A 314 1.50 -6.21 5.03
N PRO A 315 2.69 -6.19 5.63
CA PRO A 315 3.24 -4.91 6.14
C PRO A 315 3.32 -3.82 5.08
N PRO A 316 3.70 -4.11 3.82
CA PRO A 316 3.70 -3.03 2.82
C PRO A 316 2.31 -2.53 2.47
N ASN A 317 1.26 -3.31 2.74
CA ASN A 317 -0.09 -2.90 2.36
C ASN A 317 -0.60 -1.77 3.24
N LEU A 318 -0.29 -1.80 4.53
CA LEU A 318 -0.77 -0.80 5.48
C LEU A 318 0.38 0.10 5.91
N THR A 319 0.11 1.40 5.98
CA THR A 319 1.11 2.38 6.36
C THR A 319 0.64 3.42 7.36
N HIS A 320 -0.67 3.54 7.62
CA HIS A 320 -1.15 4.54 8.56
C HIS A 320 -0.67 4.29 9.99
N ILE A 321 -0.22 3.08 10.30
CA ILE A 321 0.41 2.82 11.59
C ILE A 321 1.74 3.56 11.66
N LYS A 322 2.14 3.93 12.88
CA LYS A 322 3.34 4.75 13.04
C LYS A 322 4.62 3.97 12.76
N ILE A 323 4.66 2.68 13.11
CA ILE A 323 5.91 1.93 13.02
C ILE A 323 6.26 1.60 11.57
N PHE A 324 5.27 1.41 10.70
CA PHE A 324 5.50 1.00 9.32
C PHE A 324 5.48 2.17 8.35
N LYS A 325 5.95 3.33 8.78
CA LYS A 325 5.90 4.54 7.96
C LYS A 325 6.99 4.59 6.89
N ASN A 326 7.91 3.62 6.87
CA ASN A 326 9.06 3.65 5.97
C ASN A 326 9.21 2.33 5.23
N PHE A 327 8.10 1.85 4.64
CA PHE A 327 8.12 0.62 3.86
C PHE A 327 7.95 0.85 2.37
N THR A 328 6.94 1.61 1.96
CA THR A 328 6.74 1.95 0.56
C THR A 328 7.35 3.34 0.33
N PHE A 329 8.47 3.38 -0.38
CA PHE A 329 9.24 4.62 -0.50
C PHE A 329 9.27 5.18 -1.92
N SER A 330 9.76 4.44 -2.90
CA SER A 330 9.97 4.98 -4.24
C SER A 330 10.33 3.82 -5.17
N LEU A 331 10.65 4.14 -6.42
CA LEU A 331 11.08 3.17 -7.40
C LEU A 331 12.54 3.30 -7.80
N ASN A 332 13.02 4.52 -8.04
CA ASN A 332 14.43 4.71 -8.36
C ASN A 332 15.31 4.26 -7.20
N LYS A 333 14.94 4.64 -5.99
CA LYS A 333 15.66 4.16 -4.81
C LYS A 333 15.54 2.65 -4.68
N LEU A 334 14.35 2.11 -4.94
CA LEU A 334 14.16 0.66 -4.91
C LEU A 334 15.05 -0.02 -5.94
N LEU A 335 15.11 0.54 -7.15
CA LEU A 335 15.93 -0.06 -8.20
C LEU A 335 17.42 -0.03 -7.84
N VAL A 336 17.89 1.09 -7.28
CA VAL A 336 19.31 1.18 -6.97
C VAL A 336 19.67 0.45 -5.69
N ALA A 337 18.69 0.12 -4.83
CA ALA A 337 18.96 -0.64 -3.63
C ALA A 337 18.68 -2.12 -3.78
N ASN A 338 18.02 -2.54 -4.86
CA ASN A 338 17.75 -3.95 -5.08
C ASN A 338 19.03 -4.75 -5.28
N SER A 339 20.15 -4.09 -5.59
CA SER A 339 21.42 -4.77 -5.75
C SER A 339 21.94 -5.35 -4.44
N LEU A 340 21.36 -4.97 -3.30
CA LEU A 340 21.75 -5.58 -2.03
C LEU A 340 21.36 -7.05 -1.98
N ARG A 341 20.35 -7.46 -2.74
CA ARG A 341 19.94 -8.85 -2.74
C ARG A 341 20.97 -9.74 -3.42
N LEU A 342 21.74 -9.20 -4.36
CA LEU A 342 22.71 -9.99 -5.10
C LEU A 342 23.82 -10.55 -4.21
N LEU A 343 23.96 -10.04 -2.99
CA LEU A 343 24.92 -10.62 -2.05
C LEU A 343 24.54 -12.05 -1.67
N PHE A 344 23.27 -12.44 -1.89
CA PHE A 344 22.83 -13.78 -1.51
C PHE A 344 23.55 -14.86 -2.30
N ILE A 345 23.98 -14.56 -3.53
CA ILE A 345 24.52 -15.60 -4.41
C ILE A 345 25.78 -16.25 -3.83
N PRO A 346 26.80 -15.52 -3.39
CA PRO A 346 27.97 -16.19 -2.81
C PRO A 346 27.66 -16.94 -1.52
N TRP A 347 26.59 -16.59 -0.81
CA TRP A 347 26.30 -17.22 0.47
C TRP A 347 26.01 -18.72 0.31
N PHE A 348 25.16 -19.06 -0.67
CA PHE A 348 24.82 -20.46 -0.88
C PHE A 348 26.01 -21.27 -1.33
N ILE A 349 26.81 -20.73 -2.24
CA ILE A 349 28.02 -21.43 -2.68
C ILE A 349 28.97 -21.63 -1.50
N LEU A 350 29.12 -20.60 -0.66
CA LEU A 350 30.02 -20.70 0.47
C LEU A 350 29.57 -21.76 1.47
N ASN A 351 28.28 -21.80 1.78
CA ASN A 351 27.82 -22.76 2.77
C ASN A 351 27.58 -24.14 2.18
N ALA A 352 27.64 -24.29 0.86
CA ALA A 352 27.62 -25.61 0.24
C ALA A 352 29.01 -26.19 0.00
N CYS A 353 30.02 -25.33 -0.19
CA CYS A 353 31.35 -25.84 -0.49
C CYS A 353 32.20 -26.04 0.76
N VAL A 354 32.14 -25.12 1.71
CA VAL A 354 33.01 -25.16 2.88
C VAL A 354 32.54 -26.23 3.85
N ASP A 355 33.48 -26.99 4.39
CA ASP A 355 33.20 -28.08 5.32
C ASP A 355 33.51 -27.70 6.77
N HIS A 356 33.77 -26.43 7.04
CA HIS A 356 34.17 -26.03 8.39
C HIS A 356 32.98 -26.14 9.34
N PRO A 357 33.22 -26.57 10.59
CA PRO A 357 32.12 -27.02 11.45
C PRO A 357 31.07 -25.97 11.76
N PHE A 358 31.43 -24.68 11.73
CA PHE A 358 30.45 -23.66 12.12
C PHE A 358 29.28 -23.57 11.17
N PHE A 359 29.40 -24.12 9.96
CA PHE A 359 28.33 -24.10 8.97
C PHE A 359 27.44 -25.32 9.03
N LYS A 360 27.77 -26.31 9.85
CA LYS A 360 27.00 -27.56 9.92
C LYS A 360 25.96 -27.48 11.03
N ASN A 361 25.03 -26.54 10.87
CA ASN A 361 23.92 -26.40 11.81
C ASN A 361 22.68 -25.97 11.06
N ILE A 362 21.54 -26.50 11.48
CA ILE A 362 20.27 -26.22 10.82
C ILE A 362 19.89 -24.76 10.98
N VAL A 363 20.33 -24.12 12.07
CA VAL A 363 19.86 -22.78 12.41
C VAL A 363 20.27 -21.78 11.33
N GLN A 364 21.52 -21.84 10.86
CA GLN A 364 21.96 -20.85 9.89
C GLN A 364 21.27 -21.03 8.55
N GLN A 365 21.02 -22.29 8.14
CA GLN A 365 20.30 -22.53 6.90
C GLN A 365 18.86 -22.01 7.00
N CYS A 366 18.22 -22.25 8.14
CA CYS A 366 16.87 -21.72 8.33
C CYS A 366 16.87 -20.20 8.31
N VAL A 367 17.88 -19.58 8.91
CA VAL A 367 17.96 -18.12 8.91
C VAL A 367 18.11 -17.60 7.48
N CYS A 368 18.98 -18.22 6.70
CA CYS A 368 19.17 -17.77 5.31
C CYS A 368 17.89 -17.92 4.49
N MET A 369 17.23 -19.07 4.59
CA MET A 369 16.00 -19.27 3.85
C MET A 369 14.92 -18.30 4.30
N ALA A 370 14.84 -18.04 5.60
CA ALA A 370 13.87 -17.08 6.11
C ALA A 370 14.14 -15.69 5.55
N MET A 371 15.41 -15.30 5.49
CA MET A 371 15.74 -13.99 4.95
C MET A 371 15.34 -13.89 3.49
N LEU A 372 15.63 -14.93 2.71
CA LEU A 372 15.25 -14.89 1.29
C LEU A 372 13.73 -14.81 1.15
N ALA A 373 12.99 -15.58 1.95
CA ALA A 373 11.54 -15.54 1.88
C ALA A 373 11.00 -14.15 2.23
N PHE A 374 11.54 -13.54 3.29
CA PHE A 374 11.06 -12.23 3.69
C PHE A 374 11.35 -11.18 2.63
N THR A 375 12.54 -11.24 2.03
CA THR A 375 12.86 -10.26 0.99
C THR A 375 12.15 -10.54 -0.33
N ASN A 376 11.63 -11.75 -0.54
CA ASN A 376 10.91 -12.02 -1.78
C ASN A 376 9.51 -11.40 -1.79
N GLY A 377 8.78 -11.50 -0.69
CA GLY A 377 7.42 -10.99 -0.63
C GLY A 377 7.30 -9.52 -0.32
N TRP A 378 8.43 -8.82 -0.16
CA TRP A 378 8.45 -7.41 0.14
C TRP A 378 8.97 -6.56 -1.02
N PHE A 379 9.74 -7.14 -1.93
CA PHE A 379 10.17 -6.45 -3.15
C PHE A 379 9.36 -6.88 -4.36
N ASN A 380 8.24 -7.57 -4.14
CA ASN A 380 7.38 -8.06 -5.21
C ASN A 380 6.02 -7.40 -5.27
N THR A 381 5.45 -6.99 -4.13
CA THR A 381 4.15 -6.33 -4.10
C THR A 381 4.24 -4.81 -3.99
N VAL A 382 5.43 -4.26 -3.76
CA VAL A 382 5.57 -2.81 -3.67
C VAL A 382 5.20 -2.10 -4.96
N PRO A 383 5.65 -2.52 -6.15
CA PRO A 383 5.30 -1.75 -7.36
C PRO A 383 3.81 -1.66 -7.62
N PHE A 384 3.01 -2.62 -7.16
CA PHE A 384 1.57 -2.55 -7.36
C PHE A 384 0.91 -1.44 -6.57
N LEU A 385 1.62 -0.81 -5.62
CA LEU A 385 1.05 0.22 -4.77
C LEU A 385 1.71 1.58 -4.94
N VAL A 386 2.67 1.73 -5.84
CA VAL A 386 3.42 2.98 -5.99
C VAL A 386 3.16 3.64 -7.34
N PHE A 387 3.03 2.85 -8.40
CA PHE A 387 2.96 3.41 -9.75
C PHE A 387 1.77 4.36 -9.91
N VAL A 388 0.65 4.04 -9.29
CA VAL A 388 -0.53 4.89 -9.42
C VAL A 388 -0.28 6.26 -8.79
N LYS A 389 0.47 6.30 -7.70
CA LYS A 389 0.74 7.57 -7.03
C LYS A 389 1.62 8.47 -7.89
N GLU A 390 2.57 7.88 -8.62
CA GLU A 390 3.55 8.64 -9.38
C GLU A 390 3.21 8.75 -10.85
N LEU A 391 1.99 8.40 -11.25
CA LEU A 391 1.60 8.50 -12.65
C LEU A 391 1.65 9.93 -13.14
N LYS A 392 0.82 10.79 -12.55
CA LYS A 392 0.76 12.22 -12.91
C LYS A 392 0.57 12.43 -14.41
N SER A 395 0.77 17.01 -8.93
CA SER A 395 1.80 18.04 -8.81
C SER A 395 2.60 17.86 -7.52
N LYS A 396 3.80 18.44 -7.49
CA LYS A 396 4.65 18.33 -6.31
C LYS A 396 4.05 19.12 -5.14
N GLY A 397 4.18 18.55 -3.94
CA GLY A 397 3.71 19.17 -2.71
C GLY A 397 2.52 18.46 -2.09
N GLU A 398 1.78 17.66 -2.88
CA GLU A 398 0.63 16.95 -2.33
C GLU A 398 1.05 15.79 -1.44
N GLU A 399 2.24 15.21 -1.69
CA GLU A 399 2.69 14.08 -0.89
C GLU A 399 2.86 14.45 0.58
N LEU A 400 3.16 15.72 0.87
CA LEU A 400 3.30 16.16 2.25
C LEU A 400 1.95 16.39 2.92
N PHE A 401 0.85 16.07 2.25
CA PHE A 401 -0.50 16.23 2.79
C PHE A 401 -1.16 14.88 3.09
N THR A 402 -0.50 13.78 2.74
CA THR A 402 -1.14 12.47 2.82
C THR A 402 -1.48 12.10 4.26
N GLY A 403 -0.57 12.34 5.19
CA GLY A 403 -0.76 12.00 6.58
C GLY A 403 -1.20 13.19 7.42
N VAL A 404 -1.44 12.91 8.70
CA VAL A 404 -1.79 13.95 9.66
C VAL A 404 -0.53 14.72 10.02
N VAL A 405 -0.61 16.05 9.92
CA VAL A 405 0.55 16.92 10.07
C VAL A 405 0.36 17.75 11.33
N PRO A 406 1.35 17.80 12.21
CA PRO A 406 1.25 18.68 13.39
C PRO A 406 1.36 20.15 13.00
N ILE A 407 0.73 21.00 13.81
CA ILE A 407 0.69 22.44 13.57
C ILE A 407 1.05 23.14 14.86
N LEU A 408 2.01 24.05 14.80
CA LEU A 408 2.40 24.90 15.91
C LEU A 408 2.23 26.36 15.50
N VAL A 409 1.55 27.13 16.33
CA VAL A 409 1.23 28.52 16.04
C VAL A 409 1.70 29.39 17.20
N GLU A 410 2.44 30.45 16.88
CA GLU A 410 2.87 31.44 17.87
C GLU A 410 2.43 32.81 17.40
N LEU A 411 1.75 33.56 18.27
CA LEU A 411 1.20 34.86 17.94
C LEU A 411 1.71 35.88 18.95
N ASP A 412 2.21 37.01 18.45
CA ASP A 412 2.59 38.15 19.28
C ASP A 412 1.81 39.36 18.78
N GLY A 413 0.88 39.85 19.58
CA GLY A 413 -0.04 40.90 19.16
C GLY A 413 0.01 42.09 20.08
N ASP A 414 -0.46 43.24 19.56
CA ASP A 414 -0.55 44.48 20.32
C ASP A 414 -1.78 45.24 19.84
N VAL A 415 -2.77 45.38 20.71
CA VAL A 415 -4.01 46.08 20.40
C VAL A 415 -4.17 47.23 21.39
N ASN A 416 -4.13 48.46 20.87
CA ASN A 416 -4.35 49.68 21.66
C ASN A 416 -3.42 49.74 22.87
N GLY A 417 -2.17 49.33 22.66
CA GLY A 417 -1.16 49.34 23.70
C GLY A 417 -1.10 48.09 24.54
N HIS A 418 -2.07 47.19 24.42
CA HIS A 418 -2.07 45.94 25.16
C HIS A 418 -1.30 44.88 24.36
N LYS A 419 -0.19 44.41 24.92
CA LYS A 419 0.67 43.42 24.26
C LYS A 419 0.37 42.05 24.82
N PHE A 420 0.49 41.03 23.96
CA PHE A 420 0.13 39.67 24.37
C PHE A 420 0.79 38.65 23.46
N SER A 421 0.86 37.43 23.97
CA SER A 421 1.41 36.29 23.23
C SER A 421 0.48 35.09 23.41
N VAL A 422 0.30 34.33 22.33
CA VAL A 422 -0.59 33.18 22.30
C VAL A 422 0.14 32.00 21.68
N SER A 423 -0.01 30.82 22.27
CA SER A 423 0.61 29.60 21.77
C SER A 423 -0.47 28.57 21.48
N GLY A 424 -0.38 27.92 20.34
CA GLY A 424 -1.36 26.91 19.95
C GLY A 424 -0.69 25.72 19.30
N GLU A 425 -1.29 24.56 19.50
CA GLU A 425 -0.80 23.33 18.89
C GLU A 425 -1.99 22.46 18.46
N GLY A 426 -1.79 21.69 17.40
CA GLY A 426 -2.87 20.85 16.92
C GLY A 426 -2.44 19.98 15.77
N GLU A 427 -3.42 19.42 15.08
CA GLU A 427 -3.18 18.53 13.96
C GLU A 427 -4.12 18.85 12.79
N GLY A 428 -3.60 18.66 11.59
CA GLY A 428 -4.39 18.88 10.39
C GLY A 428 -4.39 17.65 9.51
N ASP A 429 -5.54 17.38 8.89
CA ASP A 429 -5.73 16.23 8.01
C ASP A 429 -6.26 16.76 6.67
N ALA A 430 -5.37 16.86 5.68
CA ALA A 430 -5.76 17.39 4.39
C ALA A 430 -6.69 16.45 3.63
N THR A 431 -6.49 15.15 3.77
CA THR A 431 -7.34 14.18 3.07
C THR A 431 -8.79 14.34 3.51
N TYR A 432 -9.02 14.45 4.81
CA TYR A 432 -10.33 14.84 5.31
C TYR A 432 -10.54 16.34 5.27
N GLY A 433 -9.46 17.12 5.22
CA GLY A 433 -9.56 18.56 5.25
C GLY A 433 -10.09 19.12 6.56
N LYS A 434 -9.63 18.58 7.69
CA LYS A 434 -10.10 18.98 9.00
C LYS A 434 -8.94 19.49 9.84
N LEU A 435 -9.24 20.46 10.69
CA LEU A 435 -8.24 21.06 11.57
C LEU A 435 -8.70 20.97 13.02
N THR A 436 -7.80 20.49 13.89
CA THR A 436 -8.04 20.46 15.33
C THR A 436 -6.92 21.25 16.00
N LEU A 437 -7.28 22.20 16.85
CA LEU A 437 -6.27 23.03 17.49
C LEU A 437 -6.65 23.37 18.91
N LYS A 438 -5.63 23.54 19.75
CA LYS A 438 -5.73 24.04 21.11
C LYS A 438 -4.96 25.35 21.19
N PHE A 439 -5.61 26.41 21.65
CA PHE A 439 -4.96 27.70 21.81
C PHE A 439 -5.02 28.14 23.27
N ILE A 440 -3.87 28.60 23.76
CA ILE A 440 -3.70 29.05 25.13
C ILE A 440 -3.00 30.40 25.10
N CYS A 441 -3.28 31.24 26.09
CA CYS A 441 -2.62 32.53 26.23
C CYS A 441 -1.50 32.40 27.26
N THR A 442 -0.26 32.64 26.82
CA THR A 442 0.89 32.54 27.70
C THR A 442 1.09 33.79 28.55
N THR A 443 0.40 34.89 28.25
CA THR A 443 0.53 36.13 29.00
C THR A 443 -0.62 36.33 29.99
N GLY A 444 -1.48 35.33 30.19
CA GLY A 444 -2.59 35.46 31.10
C GLY A 444 -3.93 35.46 30.40
N LYS A 445 -4.73 36.50 30.65
CA LYS A 445 -6.00 36.68 29.97
C LYS A 445 -5.84 37.72 28.86
N LEU A 446 -6.66 37.58 27.82
CA LEU A 446 -6.52 38.45 26.65
C LEU A 446 -7.48 39.62 26.76
N PRO A 447 -7.03 40.87 26.53
CA PRO A 447 -7.95 42.01 26.55
C PRO A 447 -9.00 41.99 25.45
N VAL A 448 -8.81 41.21 24.39
CA VAL A 448 -9.75 41.19 23.27
C VAL A 448 -10.24 39.76 23.07
N PRO A 449 -11.42 39.56 22.48
CA PRO A 449 -11.94 38.19 22.31
C PRO A 449 -11.08 37.36 21.38
N TRP A 450 -11.02 36.06 21.65
CA TRP A 450 -10.28 35.15 20.78
C TRP A 450 -10.95 34.86 19.44
N PRO A 451 -12.29 34.87 19.29
CA PRO A 451 -12.85 34.74 17.93
C PRO A 451 -12.31 35.77 16.96
N THR A 452 -12.07 37.00 17.40
CA THR A 452 -11.44 38.00 16.54
C THR A 452 -10.06 37.56 16.07
N LEU A 453 -9.33 36.79 16.89
CA LEU A 453 -8.05 36.24 16.49
C LEU A 453 -8.18 34.91 15.76
N VAL A 454 -9.39 34.36 15.65
CA VAL A 454 -9.57 33.11 14.91
C VAL A 454 -9.19 33.31 13.45
N THR A 455 -9.61 34.43 12.86
CA THR A 455 -9.16 34.78 11.52
C THR A 455 -7.64 34.83 11.45
N THR A 456 -7.00 35.28 12.53
CA THR A 456 -5.55 35.26 12.61
C THR A 456 -5.02 33.82 12.69
N LEU A 457 -5.68 32.99 13.49
CA LEU A 457 -5.09 31.69 13.85
C LEU A 457 -5.31 30.65 12.75
N THR A 458 -6.58 30.31 12.48
CA THR A 458 -6.89 29.19 11.59
C THR A 458 -6.97 29.60 10.12
N TYR A 459 -7.72 30.66 9.80
CA TYR A 459 -7.76 31.09 8.41
C TYR A 459 -6.45 31.72 7.95
N GLY A 460 -5.47 31.88 8.85
CA GLY A 460 -4.12 32.19 8.43
C GLY A 460 -3.40 31.01 7.80
N VAL A 461 -3.95 29.81 7.94
CA VAL A 461 -3.42 28.60 7.33
C VAL A 461 -4.54 27.92 6.55
N GLN A 462 -4.49 28.04 5.22
CA GLN A 462 -5.46 27.40 4.33
C GLN A 462 -4.89 26.24 3.55
N CYS A 463 -3.65 25.81 3.85
CA CYS A 463 -3.05 24.69 3.14
C CYS A 463 -3.79 23.38 3.39
N PHE A 464 -4.40 23.21 4.56
CA PHE A 464 -5.04 21.95 4.93
C PHE A 464 -6.44 21.81 4.36
N SER A 465 -6.91 22.79 3.59
CA SER A 465 -8.25 22.71 3.02
C SER A 465 -8.35 21.54 2.04
N ARG A 466 -9.46 20.81 2.11
CA ARG A 466 -9.68 19.66 1.23
C ARG A 466 -10.18 20.15 -0.12
N TYR A 467 -9.42 19.83 -1.17
CA TYR A 467 -9.87 20.21 -2.51
C TYR A 467 -10.41 18.98 -3.23
N PRO A 468 -11.44 19.13 -4.06
CA PRO A 468 -11.89 17.99 -4.87
C PRO A 468 -10.82 17.59 -5.87
N ASP A 469 -10.81 16.29 -6.20
CA ASP A 469 -9.79 15.76 -7.11
C ASP A 469 -9.79 16.46 -8.45
N HIS A 470 -10.97 16.92 -8.90
CA HIS A 470 -11.04 17.70 -10.14
C HIS A 470 -10.30 19.03 -9.97
N MET A 471 -10.39 19.63 -8.80
CA MET A 471 -9.79 20.94 -8.55
C MET A 471 -8.47 20.85 -7.79
N LYS A 472 -8.01 19.64 -7.45
CA LYS A 472 -6.88 19.49 -6.55
C LYS A 472 -5.61 20.11 -7.12
N GLN A 473 -5.40 20.00 -8.43
CA GLN A 473 -4.18 20.54 -9.04
C GLN A 473 -4.21 22.06 -9.06
N HIS A 474 -5.36 22.66 -8.73
CA HIS A 474 -5.50 24.11 -8.91
C HIS A 474 -4.81 24.89 -7.80
N ASP A 475 -4.78 24.34 -6.58
CA ASP A 475 -4.34 25.11 -5.42
C ASP A 475 -2.83 25.37 -5.46
N PHE A 476 -2.43 26.54 -4.95
CA PHE A 476 -1.01 26.80 -4.74
C PHE A 476 -0.61 26.42 -3.32
N PHE A 477 -1.59 26.31 -2.42
CA PHE A 477 -1.28 25.95 -1.04
C PHE A 477 -0.61 24.59 -0.97
N LYS A 478 -0.98 23.68 -1.86
CA LYS A 478 -0.43 22.33 -1.82
C LYS A 478 1.07 22.33 -2.09
N SER A 479 1.52 23.18 -3.01
CA SER A 479 2.94 23.17 -3.39
C SER A 479 3.73 24.21 -2.60
N ALA A 480 3.06 25.23 -2.06
CA ALA A 480 3.78 26.34 -1.43
C ALA A 480 4.29 25.97 -0.04
N MET A 481 3.55 25.10 0.67
CA MET A 481 3.87 24.79 2.07
C MET A 481 5.25 24.17 2.25
N PRO A 482 5.70 23.22 1.40
CA PRO A 482 7.12 22.83 1.46
C PRO A 482 8.06 23.99 1.21
N GLU A 483 7.68 24.92 0.33
CA GLU A 483 8.47 26.11 0.10
C GLU A 483 8.27 27.12 1.24
N GLY A 484 7.08 27.16 1.81
CA GLY A 484 6.71 28.18 2.77
C GLY A 484 6.12 29.41 2.09
N TYR A 485 5.25 30.10 2.81
CA TYR A 485 4.62 31.28 2.24
C TYR A 485 4.36 32.32 3.33
N VAL A 486 4.14 33.56 2.88
CA VAL A 486 3.87 34.68 3.76
C VAL A 486 2.52 35.27 3.41
N GLN A 487 1.68 35.45 4.42
CA GLN A 487 0.33 35.95 4.27
C GLN A 487 0.15 37.23 5.08
N GLU A 488 -0.35 38.27 4.42
CA GLU A 488 -0.72 39.51 5.06
C GLU A 488 -2.23 39.65 5.05
N ARG A 489 -2.77 40.25 6.12
CA ARG A 489 -4.21 40.43 6.23
C ARG A 489 -4.52 41.80 6.84
N THR A 490 -5.49 42.47 6.24
CA THR A 490 -6.06 43.71 6.78
C THR A 490 -7.51 43.44 7.15
N ILE A 491 -7.85 43.71 8.40
CA ILE A 491 -9.16 43.39 8.96
C ILE A 491 -9.81 44.69 9.42
N PHE A 492 -10.98 44.98 8.87
CA PHE A 492 -11.75 46.16 9.23
C PHE A 492 -12.96 45.73 10.04
N PHE A 493 -13.09 46.28 11.25
CA PHE A 493 -14.25 46.07 12.09
C PHE A 493 -15.16 47.29 11.94
N LYS A 494 -16.43 47.05 11.58
CA LYS A 494 -17.38 48.14 11.45
C LYS A 494 -17.62 48.81 12.80
N ASP A 495 -17.56 50.14 12.80
CA ASP A 495 -17.74 50.96 14.00
C ASP A 495 -16.71 50.63 15.07
N ASP A 496 -15.50 50.24 14.67
CA ASP A 496 -14.43 49.90 15.61
C ASP A 496 -13.10 50.00 14.89
N GLY A 497 -12.05 49.45 15.50
CA GLY A 497 -10.70 49.55 14.99
C GLY A 497 -10.42 48.55 13.89
N ASN A 498 -9.13 48.35 13.63
CA ASN A 498 -8.68 47.47 12.55
C ASN A 498 -7.44 46.71 12.97
N TYR A 499 -7.26 45.54 12.35
CA TYR A 499 -6.13 44.66 12.54
C TYR A 499 -5.25 44.62 11.30
N LYS A 500 -3.93 44.60 11.52
CA LYS A 500 -2.96 44.37 10.46
C LYS A 500 -2.08 43.20 10.89
N THR A 501 -2.08 42.13 10.11
CA THR A 501 -1.43 40.88 10.52
C THR A 501 -0.46 40.42 9.44
N ARG A 502 0.76 40.09 9.85
CA ARG A 502 1.78 39.53 8.97
C ARG A 502 2.17 38.16 9.50
N ALA A 503 2.05 37.12 8.66
CA ALA A 503 2.32 35.76 9.11
C ALA A 503 3.15 35.01 8.09
N GLU A 504 3.90 34.04 8.57
CA GLU A 504 4.66 33.12 7.74
C GLU A 504 4.37 31.68 8.16
N VAL A 505 4.15 30.81 7.18
CA VAL A 505 3.86 29.41 7.42
C VAL A 505 4.85 28.57 6.62
N LYS A 506 5.54 27.65 7.29
CA LYS A 506 6.64 26.93 6.65
C LYS A 506 7.08 25.79 7.55
N PHE A 507 7.70 24.78 6.94
CA PHE A 507 8.10 23.56 7.65
C PHE A 507 9.30 23.80 8.54
N GLU A 508 9.12 23.67 9.85
CA GLU A 508 10.24 23.52 10.77
C GLU A 508 10.33 22.05 11.17
N GLY A 509 11.45 21.41 10.82
CA GLY A 509 11.56 19.98 11.00
C GLY A 509 10.47 19.29 10.20
N ASP A 510 9.73 18.42 10.87
CA ASP A 510 8.58 17.75 10.25
C ASP A 510 7.26 18.38 10.67
N THR A 511 7.29 19.56 11.28
CA THR A 511 6.08 20.22 11.78
C THR A 511 5.89 21.54 11.05
N LEU A 512 4.67 21.76 10.55
CA LEU A 512 4.36 23.03 9.92
C LEU A 512 4.15 24.09 10.99
N VAL A 513 4.81 25.24 10.85
CA VAL A 513 4.73 26.30 11.85
C VAL A 513 4.21 27.57 11.19
N ASN A 514 3.51 28.37 12.00
CA ASN A 514 2.93 29.65 11.58
C ASN A 514 3.29 30.70 12.62
N ARG A 515 4.11 31.67 12.23
CA ARG A 515 4.52 32.77 13.09
C ARG A 515 3.80 34.03 12.60
N ILE A 516 3.01 34.65 13.49
CA ILE A 516 2.10 35.73 13.12
C ILE A 516 2.29 36.89 14.08
N GLU A 517 2.40 38.09 13.53
CA GLU A 517 2.43 39.33 14.30
C GLU A 517 1.20 40.16 13.94
N LEU A 518 0.49 40.64 14.96
CA LEU A 518 -0.76 41.36 14.79
C LEU A 518 -0.67 42.72 15.47
N LYS A 519 -1.17 43.76 14.78
CA LYS A 519 -1.27 45.11 15.34
C LYS A 519 -2.71 45.57 15.23
N GLY A 520 -3.32 45.90 16.36
CA GLY A 520 -4.68 46.39 16.42
C GLY A 520 -4.70 47.87 16.80
N ILE A 521 -5.49 48.66 16.08
CA ILE A 521 -5.51 50.10 16.27
C ILE A 521 -6.93 50.64 16.16
N ASP A 522 -7.13 51.82 16.77
CA ASP A 522 -8.37 52.59 16.65
C ASP A 522 -9.57 51.88 17.24
N PHE A 523 -9.36 51.04 18.25
CA PHE A 523 -10.45 50.29 18.87
C PHE A 523 -11.00 51.05 20.07
N LYS A 524 -12.31 51.29 20.05
CA LYS A 524 -12.96 51.97 21.16
C LYS A 524 -12.98 51.08 22.40
N GLU A 525 -12.84 51.71 23.57
CA GLU A 525 -12.86 50.97 24.82
C GLU A 525 -14.24 50.41 25.13
N ASP A 526 -15.31 51.04 24.64
CA ASP A 526 -16.66 50.60 24.88
C ASP A 526 -17.25 49.85 23.69
N GLY A 527 -16.43 49.49 22.72
CA GLY A 527 -16.91 48.79 21.54
C GLY A 527 -17.16 47.32 21.79
N ASN A 528 -17.58 46.63 20.72
CA ASN A 528 -17.86 45.20 20.83
C ASN A 528 -16.61 44.39 21.10
N ILE A 529 -15.45 44.87 20.65
CA ILE A 529 -14.20 44.12 20.84
C ILE A 529 -13.66 44.33 22.25
N LEU A 530 -13.38 45.58 22.60
CA LEU A 530 -12.83 45.85 23.93
C LEU A 530 -13.83 45.61 25.04
N GLY A 531 -15.13 45.67 24.73
CA GLY A 531 -16.16 45.39 25.71
C GLY A 531 -16.48 43.93 25.91
N HIS A 532 -15.85 43.04 25.13
CA HIS A 532 -16.07 41.59 25.23
C HIS A 532 -17.54 41.25 25.07
N LYS A 533 -18.18 41.85 24.08
CA LYS A 533 -19.59 41.63 23.80
C LYS A 533 -19.82 40.51 22.80
N LEU A 534 -18.77 39.84 22.34
CA LEU A 534 -18.91 38.77 21.37
C LEU A 534 -19.43 37.50 22.05
N GLU A 535 -20.34 36.81 21.36
CA GLU A 535 -20.82 35.53 21.85
C GLU A 535 -19.77 34.44 21.64
N TYR A 536 -19.93 33.34 22.36
CA TYR A 536 -19.00 32.22 22.28
C TYR A 536 -19.53 31.22 21.27
N ASN A 537 -19.29 31.50 19.99
CA ASN A 537 -19.73 30.63 18.90
C ASN A 537 -19.05 31.10 17.62
N TYR A 538 -19.10 30.25 16.60
CA TYR A 538 -18.61 30.59 15.28
C TYR A 538 -19.49 29.91 14.25
N ASN A 539 -19.51 30.48 13.05
CA ASN A 539 -20.43 30.01 12.01
C ASN A 539 -19.70 29.67 10.72
N SER A 540 -20.46 29.38 9.68
CA SER A 540 -19.91 28.98 8.38
C SER A 540 -19.87 30.19 7.45
N HIS A 541 -18.79 30.30 6.69
CA HIS A 541 -18.62 31.44 5.78
C HIS A 541 -17.92 30.97 4.52
N ASN A 542 -17.78 31.90 3.57
CA ASN A 542 -17.12 31.65 2.31
C ASN A 542 -16.02 32.68 2.10
N VAL A 543 -14.83 32.21 1.74
CA VAL A 543 -13.68 33.06 1.47
C VAL A 543 -13.43 33.03 -0.03
N TYR A 544 -13.46 34.21 -0.67
CA TYR A 544 -13.33 34.30 -2.12
C TYR A 544 -11.86 34.53 -2.47
N ILE A 545 -11.29 33.63 -3.26
CA ILE A 545 -9.87 33.65 -3.62
C ILE A 545 -9.75 33.80 -5.13
N MET A 546 -9.04 34.84 -5.55
CA MET A 546 -8.57 35.02 -6.91
C MET A 546 -7.04 35.06 -6.89
N ALA A 547 -6.44 35.13 -8.08
CA ALA A 547 -4.99 35.18 -8.21
C ALA A 547 -4.53 36.54 -8.69
N ASP A 548 -3.24 36.81 -8.53
CA ASP A 548 -2.60 38.04 -8.97
C ASP A 548 -1.29 37.68 -9.65
N LYS A 549 -1.21 37.97 -10.95
CA LYS A 549 -0.05 37.59 -11.74
C LYS A 549 1.15 38.50 -11.46
N GLN A 550 0.89 39.77 -11.16
CA GLN A 550 1.99 40.73 -10.99
C GLN A 550 2.89 40.34 -9.82
N LYS A 551 2.29 39.97 -8.69
CA LYS A 551 3.05 39.53 -7.53
C LYS A 551 3.22 38.02 -7.48
N ASN A 552 2.68 37.29 -8.46
CA ASN A 552 2.73 35.83 -8.49
C ASN A 552 2.14 35.24 -7.22
N GLY A 553 1.01 35.80 -6.78
CA GLY A 553 0.40 35.36 -5.54
C GLY A 553 -1.12 35.28 -5.61
N ILE A 554 -1.78 35.28 -4.46
CA ILE A 554 -3.24 35.20 -4.44
C ILE A 554 -3.81 36.31 -3.57
N LYS A 555 -5.03 36.72 -3.92
CA LYS A 555 -5.82 37.67 -3.16
C LYS A 555 -7.10 36.99 -2.69
N ALA A 556 -7.58 37.42 -1.53
CA ALA A 556 -8.76 36.82 -0.92
C ALA A 556 -9.56 37.90 -0.19
N ASN A 557 -10.88 37.77 -0.25
CA ASN A 557 -11.79 38.65 0.45
C ASN A 557 -12.82 37.82 1.19
N PHE A 558 -13.12 38.23 2.42
CA PHE A 558 -14.21 37.55 3.13
C PHE A 558 -14.67 38.39 4.31
N LYS A 559 -15.98 38.42 4.52
CA LYS A 559 -16.59 39.14 5.63
C LYS A 559 -17.12 38.12 6.64
N ILE A 560 -16.65 38.23 7.87
CA ILE A 560 -17.03 37.32 8.95
C ILE A 560 -18.08 38.00 9.81
N ARG A 561 -19.16 37.29 10.11
CA ARG A 561 -20.21 37.77 10.99
C ARG A 561 -19.97 37.23 12.39
N HIS A 562 -20.10 38.10 13.39
CA HIS A 562 -19.93 37.75 14.79
C HIS A 562 -21.22 38.04 15.54
N ASN A 563 -21.70 37.04 16.28
CA ASN A 563 -22.92 37.19 17.05
C ASN A 563 -22.64 37.95 18.33
N ILE A 564 -23.47 38.96 18.60
CA ILE A 564 -23.34 39.78 19.81
C ILE A 564 -24.34 39.28 20.83
N GLU A 565 -24.01 39.46 22.11
CA GLU A 565 -24.85 38.97 23.19
C GLU A 565 -26.21 39.65 23.26
N ASP A 566 -26.37 40.81 22.63
CA ASP A 566 -27.66 41.51 22.62
C ASP A 566 -28.50 41.15 21.41
N GLY A 567 -28.04 40.25 20.55
CA GLY A 567 -28.77 39.84 19.37
C GLY A 567 -28.31 40.50 18.09
N SER A 568 -27.46 41.52 18.17
CA SER A 568 -26.97 42.21 16.98
C SER A 568 -25.87 41.39 16.30
N VAL A 569 -25.34 41.92 15.21
CA VAL A 569 -24.34 41.23 14.40
C VAL A 569 -23.23 42.21 14.07
N GLN A 570 -21.98 41.79 14.26
CA GLN A 570 -20.81 42.59 13.94
C GLN A 570 -20.16 42.06 12.67
N LEU A 571 -19.93 42.94 11.70
CA LEU A 571 -19.29 42.56 10.45
C LEU A 571 -17.81 42.89 10.52
N ALA A 572 -16.97 41.95 10.07
CA ALA A 572 -15.53 42.14 10.03
C ALA A 572 -15.04 41.76 8.64
N ASP A 573 -14.64 42.76 7.86
CA ASP A 573 -14.13 42.52 6.51
C ASP A 573 -12.66 42.15 6.58
N HIS A 574 -12.23 41.26 5.69
CA HIS A 574 -10.87 40.74 5.68
C HIS A 574 -10.36 40.71 4.26
N TYR A 575 -9.28 41.46 4.00
CA TYR A 575 -8.55 41.45 2.74
C TYR A 575 -7.22 40.75 2.98
N GLN A 576 -6.95 39.71 2.22
CA GLN A 576 -5.80 38.85 2.47
C GLN A 576 -4.96 38.72 1.19
N GLN A 577 -3.65 38.85 1.33
CA GLN A 577 -2.72 38.63 0.23
C GLN A 577 -1.68 37.59 0.63
N ASN A 578 -1.57 36.53 -0.18
CA ASN A 578 -0.60 35.47 0.05
C ASN A 578 0.45 35.47 -1.04
N THR A 579 1.72 35.38 -0.65
CA THR A 579 2.82 35.31 -1.59
C THR A 579 3.79 34.21 -1.19
N PRO A 580 4.30 33.45 -2.16
CA PRO A 580 5.25 32.38 -1.84
C PRO A 580 6.57 32.93 -1.33
N ILE A 581 7.21 32.15 -0.47
CA ILE A 581 8.52 32.51 0.05
C ILE A 581 9.64 31.93 -0.81
N GLY A 582 9.51 30.67 -1.21
CA GLY A 582 10.53 30.02 -2.01
C GLY A 582 10.55 30.51 -3.44
N ASP A 583 11.60 30.10 -4.16
CA ASP A 583 11.81 30.49 -5.54
C ASP A 583 11.14 29.56 -6.53
N GLY A 584 10.61 28.43 -6.08
CA GLY A 584 9.98 27.48 -6.97
C GLY A 584 8.68 28.00 -7.54
N PRO A 585 8.28 27.46 -8.70
CA PRO A 585 7.03 27.89 -9.32
C PRO A 585 5.82 27.49 -8.50
N VAL A 586 4.75 28.26 -8.64
CA VAL A 586 3.50 28.02 -7.94
C VAL A 586 2.39 27.83 -8.95
N LEU A 587 1.25 27.35 -8.47
CA LEU A 587 0.08 27.08 -9.30
C LEU A 587 -0.93 28.21 -9.09
N LEU A 588 -1.00 29.11 -10.06
CA LEU A 588 -1.83 30.31 -9.92
C LEU A 588 -3.27 29.96 -10.30
N PRO A 589 -4.23 30.10 -9.39
CA PRO A 589 -5.60 29.64 -9.67
C PRO A 589 -6.46 30.72 -10.32
N ASP A 590 -7.73 30.36 -10.53
CA ASP A 590 -8.76 31.29 -10.95
C ASP A 590 -9.64 31.65 -9.75
N ASN A 591 -10.72 32.38 -10.01
CA ASN A 591 -11.64 32.74 -8.95
C ASN A 591 -12.36 31.50 -8.43
N HIS A 592 -12.46 31.39 -7.10
CA HIS A 592 -13.15 30.28 -6.45
C HIS A 592 -13.37 30.68 -5.00
N TYR A 593 -13.98 29.79 -4.21
CA TYR A 593 -14.21 30.09 -2.81
C TYR A 593 -13.96 28.86 -1.96
N LEU A 594 -13.74 29.11 -0.67
CA LEU A 594 -13.63 28.08 0.35
C LEU A 594 -14.79 28.22 1.32
N SER A 595 -15.55 27.15 1.51
CA SER A 595 -16.61 27.12 2.51
C SER A 595 -16.03 26.54 3.80
N THR A 596 -16.17 27.28 4.89
CA THR A 596 -15.54 26.93 6.15
C THR A 596 -16.54 26.94 7.29
N GLN A 597 -16.45 25.93 8.15
CA GLN A 597 -17.26 25.83 9.36
C GLN A 597 -16.33 25.73 10.56
N SER A 598 -16.61 26.52 11.59
CA SER A 598 -15.76 26.59 12.77
C SER A 598 -16.57 26.28 14.02
N ALA A 599 -15.97 25.54 14.94
CA ALA A 599 -16.59 25.16 16.20
C ALA A 599 -15.62 25.47 17.34
N LEU A 600 -16.10 26.20 18.34
CA LEU A 600 -15.31 26.55 19.51
C LEU A 600 -15.80 25.75 20.71
N SER A 601 -14.86 25.27 21.51
CA SER A 601 -15.19 24.50 22.71
C SER A 601 -14.19 24.83 23.82
N LYS A 602 -14.60 24.51 25.05
CA LYS A 602 -13.77 24.73 26.23
C LYS A 602 -13.40 23.39 26.83
N ASP A 603 -12.11 23.19 27.11
CA ASP A 603 -11.66 21.99 27.80
C ASP A 603 -11.62 22.27 29.30
N PRO A 604 -12.49 21.64 30.09
CA PRO A 604 -12.58 21.99 31.52
C PRO A 604 -11.41 21.51 32.36
N ASN A 605 -10.50 20.72 31.80
CA ASN A 605 -9.43 20.11 32.60
C ASN A 605 -8.25 21.05 32.83
N GLU A 606 -8.21 22.21 32.19
CA GLU A 606 -7.10 23.15 32.34
C GLU A 606 -7.61 24.46 32.92
N LYS A 607 -6.69 25.21 33.54
CA LYS A 607 -7.02 26.45 34.23
C LYS A 607 -6.75 27.69 33.40
N ARG A 608 -5.70 27.67 32.57
CA ARG A 608 -5.30 28.86 31.82
C ARG A 608 -6.36 29.22 30.78
N ASP A 609 -6.23 30.44 30.24
CA ASP A 609 -7.08 30.88 29.15
C ASP A 609 -6.82 30.01 27.93
N HIS A 610 -7.82 29.23 27.51
CA HIS A 610 -7.65 28.23 26.48
C HIS A 610 -8.98 27.98 25.79
N MET A 611 -8.94 27.68 24.49
CA MET A 611 -10.07 27.07 23.80
C MET A 611 -9.61 26.10 22.71
N VAL A 612 -10.52 25.19 22.35
CA VAL A 612 -10.32 24.21 21.29
C VAL A 612 -11.11 24.66 20.07
N LEU A 613 -10.46 24.61 18.91
CA LEU A 613 -11.09 25.01 17.66
C LEU A 613 -11.07 23.86 16.67
N LEU A 614 -12.24 23.55 16.12
CA LEU A 614 -12.40 22.54 15.09
C LEU A 614 -12.84 23.22 13.80
N GLU A 615 -12.20 22.86 12.69
CA GLU A 615 -12.45 23.53 11.42
C GLU A 615 -12.70 22.51 10.31
N PHE A 616 -13.76 22.76 9.54
CA PHE A 616 -14.16 21.95 8.39
C PHE A 616 -14.11 22.85 7.16
N VAL A 617 -13.18 22.57 6.24
CA VAL A 617 -12.96 23.43 5.08
C VAL A 617 -13.16 22.61 3.81
N THR A 618 -13.83 23.20 2.82
CA THR A 618 -14.02 22.54 1.54
C THR A 618 -14.02 23.57 0.41
N ALA A 619 -13.28 23.29 -0.65
CA ALA A 619 -13.20 24.21 -1.78
C ALA A 619 -14.37 24.03 -2.74
N ALA A 620 -14.71 25.10 -3.45
CA ALA A 620 -15.78 25.07 -4.45
C ALA A 620 -15.64 26.30 -5.34
N GLY A 621 -16.53 26.39 -6.33
CA GLY A 621 -16.60 27.53 -7.23
C GLY A 621 -16.61 27.19 -8.70
N ILE A 622 -16.02 26.08 -9.10
CA ILE A 622 -15.94 25.69 -10.50
C ILE A 622 -16.41 24.25 -10.64
N THR A 623 -17.32 24.02 -11.59
CA THR A 623 -17.83 22.69 -11.85
C THR A 623 -16.79 21.83 -12.55
N LYS A 634 -12.59 8.40 -17.61
CA LYS A 634 -11.72 8.27 -18.76
C LYS A 634 -10.28 7.99 -18.33
N LYS A 635 -9.47 7.49 -19.27
CA LYS A 635 -8.05 7.23 -19.10
C LYS A 635 -7.75 6.16 -18.06
N LYS A 636 -8.77 5.47 -17.54
CA LYS A 636 -8.52 4.36 -16.64
C LYS A 636 -7.89 3.18 -17.39
N LYS A 637 -8.14 3.08 -18.69
CA LYS A 637 -7.52 2.03 -19.49
C LYS A 637 -6.00 2.12 -19.46
N GLU A 638 -5.45 3.31 -19.22
CA GLU A 638 -4.00 3.40 -19.04
C GLU A 638 -3.54 2.63 -17.80
N ILE A 639 -4.28 2.78 -16.69
CA ILE A 639 -3.95 2.03 -15.49
C ILE A 639 -4.12 0.54 -15.73
N GLU A 640 -5.19 0.16 -16.43
CA GLU A 640 -5.40 -1.25 -16.74
C GLU A 640 -4.25 -1.82 -17.56
N ILE A 641 -3.82 -1.07 -18.58
CA ILE A 641 -2.73 -1.52 -19.44
C ILE A 641 -1.44 -1.64 -18.64
N ILE A 642 -1.18 -0.69 -17.74
CA ILE A 642 0.03 -0.75 -16.92
C ILE A 642 0.01 -2.00 -16.04
N SER A 643 -1.13 -2.29 -15.43
CA SER A 643 -1.23 -3.48 -14.58
C SER A 643 -0.99 -4.75 -15.39
N THR A 644 -1.59 -4.84 -16.58
CA THR A 644 -1.39 -6.01 -17.41
C THR A 644 0.07 -6.16 -17.83
N PHE A 645 0.72 -5.03 -18.17
CA PHE A 645 2.13 -5.08 -18.54
C PHE A 645 2.98 -5.59 -17.38
N LEU A 646 2.71 -5.11 -16.17
CA LEU A 646 3.49 -5.57 -15.02
C LEU A 646 3.31 -7.07 -14.79
N VAL A 647 2.07 -7.56 -14.90
CA VAL A 647 1.84 -8.97 -14.68
C VAL A 647 2.56 -9.81 -15.74
N ILE A 648 2.49 -9.38 -17.00
CA ILE A 648 3.17 -10.13 -18.07
C ILE A 648 4.67 -10.13 -17.84
N ALA A 649 5.22 -9.00 -17.42
CA ALA A 649 6.66 -8.94 -17.15
C ALA A 649 7.05 -9.89 -16.03
N MET A 650 6.25 -9.94 -14.96
CA MET A 650 6.58 -10.83 -13.85
C MET A 650 6.52 -12.29 -14.28
N PHE A 651 5.52 -12.66 -15.08
CA PHE A 651 5.46 -14.04 -15.57
C PHE A 651 6.64 -14.39 -16.46
N VAL A 652 7.04 -13.46 -17.34
CA VAL A 652 8.20 -13.73 -18.20
C VAL A 652 9.45 -13.90 -17.35
N GLY A 653 9.59 -13.09 -16.31
CA GLY A 653 10.72 -13.25 -15.41
C GLY A 653 10.72 -14.59 -14.70
N LEU A 654 9.54 -15.03 -14.24
CA LEU A 654 9.45 -16.31 -13.56
C LEU A 654 9.84 -17.45 -14.50
N PHE A 655 9.40 -17.39 -15.76
CA PHE A 655 9.79 -18.42 -16.71
C PHE A 655 11.29 -18.40 -16.96
N CYS A 656 11.86 -17.21 -17.17
CA CYS A 656 13.28 -17.13 -17.48
C CYS A 656 14.16 -17.42 -16.28
N GLY A 657 13.60 -17.46 -15.07
CA GLY A 657 14.39 -17.73 -13.89
C GLY A 657 14.37 -19.16 -13.41
N ILE A 658 14.34 -20.12 -14.33
CA ILE A 658 14.40 -21.55 -13.98
C ILE A 658 15.55 -22.24 -14.71
N TRP A 659 15.61 -22.10 -16.04
CA TRP A 659 16.68 -22.72 -16.79
C TRP A 659 18.05 -22.17 -16.42
N THR A 660 18.11 -20.92 -15.94
CA THR A 660 19.39 -20.32 -15.59
C THR A 660 20.15 -21.15 -14.55
N THR A 661 19.43 -21.88 -13.69
CA THR A 661 20.11 -22.68 -12.67
C THR A 661 20.98 -23.77 -13.28
N TYR A 662 20.65 -24.22 -14.49
CA TYR A 662 21.49 -25.22 -15.14
C TYR A 662 22.90 -24.69 -15.39
N ILE A 663 23.07 -23.37 -15.42
CA ILE A 663 24.40 -22.81 -15.56
C ILE A 663 25.30 -23.24 -14.40
N TYR A 664 24.72 -23.35 -13.21
CA TYR A 664 25.51 -23.79 -12.06
C TYR A 664 26.03 -25.20 -12.22
N ASN A 665 25.46 -25.98 -13.14
CA ASN A 665 25.94 -27.36 -13.33
C ASN A 665 27.36 -27.42 -13.86
N LEU A 666 27.85 -26.32 -14.44
CA LEU A 666 29.21 -26.32 -14.99
C LEU A 666 30.25 -26.43 -13.88
N PHE A 667 30.12 -25.60 -12.85
CA PHE A 667 31.06 -25.64 -11.74
C PHE A 667 30.79 -26.84 -10.85
N ASN A 668 31.86 -27.38 -10.26
CA ASN A 668 31.77 -28.55 -9.39
C ASN A 668 31.47 -28.09 -7.96
N ILE A 669 30.24 -27.61 -7.77
CA ILE A 669 29.82 -27.09 -6.48
C ILE A 669 29.74 -28.22 -5.44
N VAL A 670 29.33 -29.41 -5.88
CA VAL A 670 29.06 -30.50 -4.95
C VAL A 670 30.33 -30.91 -4.23
N LEU A 671 30.18 -31.21 -2.93
CA LEU A 671 31.30 -31.71 -2.13
C LEU A 671 31.69 -33.10 -2.61
N PRO A 672 32.99 -33.43 -2.57
CA PRO A 672 33.40 -34.83 -2.76
C PRO A 672 32.66 -35.80 -1.85
N LYS A 673 32.57 -37.05 -2.27
CA LYS A 673 31.75 -38.02 -1.54
C LYS A 673 32.10 -38.15 -0.06
N PRO A 674 33.38 -38.31 0.35
CA PRO A 674 33.60 -38.44 1.80
C PRO A 674 33.34 -37.15 2.57
#